data_9BLM
#
_entry.id   9BLM
#
_entity_poly.entity_id   1
_entity_poly.type   'polyribonucleotide'
_entity_poly.pdbx_seq_one_letter_code
;GGCCUGGGAUAGACUAGGAGAUCUUCUGCUCUGCACAACCUUCGGGUGGUGCGAGA(AP7)CACAGGAUACU
;
_entity_poly.pdbx_strand_id   A
#